data_3OF9
#
_entry.id   3OF9
#
_cell.length_a   85.557
_cell.length_b   85.557
_cell.length_c   50.201
_cell.angle_alpha   90.00
_cell.angle_beta   90.00
_cell.angle_gamma   120.00
#
_symmetry.space_group_name_H-M   'P 65'
#
loop_
_entity.id
_entity.type
_entity.pdbx_description
1 polymer 'Cathepsin L1'
2 non-polymer Nalpha-[(benzyloxy)carbonyl]-N-[(1S)-1-(4-tert-butoxybenzyl)-3-diazo-2-oxopropyl]-L-phenylalaninamide
#
_entity_poly.entity_id   1
_entity_poly.type   'polypeptide(L)'
_entity_poly.pdbx_seq_one_letter_code
;EAPRSVDWREKGYVTPVKNQGQCGSCWAFSATGALEGQMFRKTGRLISLSEQNLVDCSGPQGNEGCNGGLMDYAFQYVQD
NGGLDSEESYPYEATEESCKYNPKYSVANDTGFVDIPKQEKALMKAVATVGPISVAIDAGHESFLFYKEGIYFEPDCSSE
DMDHGVLVVGYGFESTESDNNKYWLVKNSWGEEWGMGGYVKMAKDRRNHCGIASAASYPTV
;
_entity_poly.pdbx_strand_id   A
#
# COMPACT_ATOMS: atom_id res chain seq x y z
N GLU A 1 9.42 -20.12 -7.19
CA GLU A 1 9.65 -19.24 -8.33
C GLU A 1 10.20 -17.89 -7.90
N ALA A 2 10.44 -17.02 -8.87
CA ALA A 2 10.82 -15.63 -8.61
C ALA A 2 12.22 -15.50 -7.99
N PRO A 3 12.78 -14.27 -8.05
CA PRO A 3 14.04 -13.93 -7.37
C PRO A 3 13.93 -14.16 -5.87
N ARG A 4 15.08 -14.26 -5.19
CA ARG A 4 15.11 -14.54 -3.77
C ARG A 4 14.95 -13.26 -2.97
N SER A 5 15.17 -12.14 -3.65
CA SER A 5 15.02 -10.81 -3.05
C SER A 5 14.53 -9.85 -4.12
N VAL A 6 13.65 -8.94 -3.70
CA VAL A 6 13.09 -7.93 -4.58
C VAL A 6 12.91 -6.65 -3.77
N ASP A 7 13.26 -5.51 -4.37
CA ASP A 7 13.07 -4.22 -3.72
C ASP A 7 12.85 -3.14 -4.78
N TRP A 8 11.57 -2.84 -5.04
CA TRP A 8 11.20 -1.91 -6.10
C TRP A 8 11.64 -0.48 -5.86
N ARG A 9 12.01 -0.17 -4.63
CA ARG A 9 12.56 1.15 -4.34
C ARG A 9 13.88 1.37 -5.08
N GLU A 10 14.64 0.30 -5.29
CA GLU A 10 15.91 0.41 -5.99
C GLU A 10 15.73 0.71 -7.48
N LYS A 11 14.52 0.56 -7.99
CA LYS A 11 14.27 0.75 -9.40
C LYS A 11 13.51 2.04 -9.71
N GLY A 12 13.14 2.80 -8.69
CA GLY A 12 12.49 4.10 -8.87
C GLY A 12 10.98 4.05 -8.86
N TYR A 13 10.42 3.02 -8.25
CA TYR A 13 8.97 2.76 -8.31
C TYR A 13 8.21 3.38 -7.17
N VAL A 14 8.94 3.84 -6.15
CA VAL A 14 8.32 4.13 -4.85
C VAL A 14 8.61 5.56 -4.39
N THR A 15 7.54 6.29 -4.05
CA THR A 15 7.67 7.63 -3.48
C THR A 15 8.10 7.52 -2.02
N PRO A 16 8.58 8.63 -1.43
CA PRO A 16 8.98 8.52 -0.03
C PRO A 16 7.79 8.25 0.86
N VAL A 17 8.10 7.75 2.04
CA VAL A 17 7.07 7.47 3.05
C VAL A 17 6.26 8.70 3.38
N LYS A 18 4.93 8.54 3.39
CA LYS A 18 4.04 9.64 3.71
C LYS A 18 3.47 9.46 5.12
N ASN A 19 2.64 10.42 5.53
CA ASN A 19 2.09 10.42 6.89
C ASN A 19 0.62 10.79 6.86
N GLN A 20 -0.23 9.82 7.14
CA GLN A 20 -1.68 10.03 7.06
C GLN A 20 -2.21 10.92 8.18
N GLY A 21 -1.43 11.12 9.23
CA GLY A 21 -1.84 12.01 10.31
C GLY A 21 -3.05 11.47 11.03
N GLN A 22 -3.90 12.36 11.56
CA GLN A 22 -5.05 11.92 12.34
C GLN A 22 -6.26 11.81 11.45
N CYS A 23 -6.15 10.91 10.48
CA CYS A 23 -7.22 10.66 9.51
C CYS A 23 -7.11 9.20 9.15
N GLY A 24 -8.23 8.50 9.15
CA GLY A 24 -8.22 7.07 8.85
C GLY A 24 -8.15 6.74 7.38
N SER A 25 -7.06 7.16 6.72
CA SER A 25 -6.98 7.13 5.27
C SER A 25 -5.91 6.18 4.76
N CYS A 26 -5.51 5.21 5.59
CA CYS A 26 -4.45 4.30 5.20
C CYS A 26 -4.76 3.69 3.83
N TRP A 27 -6.03 3.38 3.58
CA TRP A 27 -6.44 2.77 2.32
C TRP A 27 -6.05 3.65 1.13
N ALA A 28 -6.13 4.97 1.30
CA ALA A 28 -5.83 5.90 0.20
C ALA A 28 -4.33 5.95 -0.08
N PHE A 29 -3.51 5.89 0.97
CA PHE A 29 -2.05 5.82 0.80
C PHE A 29 -1.62 4.49 0.19
N SER A 30 -2.28 3.40 0.58
CA SER A 30 -1.94 2.11 -0.03
C SER A 30 -2.23 2.16 -1.52
N ALA A 31 -3.38 2.74 -1.85
CA ALA A 31 -3.81 2.83 -3.24
C ALA A 31 -2.94 3.75 -4.08
N THR A 32 -2.63 4.94 -3.59
CA THR A 32 -1.75 5.82 -4.35
C THR A 32 -0.37 5.18 -4.52
N GLY A 33 0.07 4.47 -3.49
CA GLY A 33 1.32 3.72 -3.56
C GLY A 33 1.33 2.70 -4.68
N ALA A 34 0.29 1.88 -4.77
CA ALA A 34 0.22 0.89 -5.84
C ALA A 34 0.11 1.56 -7.21
N LEU A 35 -0.69 2.62 -7.29
CA LEU A 35 -0.88 3.32 -8.56
C LEU A 35 0.38 4.07 -8.99
N GLU A 36 1.11 4.63 -8.02
CA GLU A 36 2.38 5.28 -8.30
C GLU A 36 3.34 4.31 -8.98
N GLY A 37 3.41 3.10 -8.42
CA GLY A 37 4.23 2.03 -8.98
C GLY A 37 3.82 1.62 -10.37
N GLN A 38 2.51 1.48 -10.60
CA GLN A 38 2.06 0.99 -11.90
C GLN A 38 2.18 2.07 -12.98
N MET A 39 1.97 3.33 -12.59
CA MET A 39 2.15 4.41 -13.54
C MET A 39 3.62 4.49 -13.91
N PHE A 40 4.51 4.25 -12.95
CA PHE A 40 5.94 4.28 -13.23
C PHE A 40 6.36 3.13 -14.15
N ARG A 41 5.79 1.96 -13.91
CA ARG A 41 6.04 0.82 -14.81
C ARG A 41 5.65 1.18 -16.24
N LYS A 42 4.47 1.78 -16.39
CA LYS A 42 3.91 2.13 -17.70
C LYS A 42 4.68 3.23 -18.43
N THR A 43 5.03 4.30 -17.72
CA THR A 43 5.47 5.52 -18.38
C THR A 43 6.90 5.92 -18.10
N GLY A 44 7.51 5.31 -17.07
CA GLY A 44 8.85 5.71 -16.64
C GLY A 44 8.89 6.99 -15.81
N ARG A 45 7.72 7.50 -15.44
CA ARG A 45 7.64 8.72 -14.66
C ARG A 45 7.03 8.47 -13.29
N LEU A 46 7.72 8.92 -12.24
CA LEU A 46 7.19 8.76 -10.89
C LEU A 46 6.60 10.09 -10.42
N ILE A 47 5.30 10.09 -10.18
CA ILE A 47 4.60 11.29 -9.75
C ILE A 47 3.76 10.95 -8.54
N SER A 48 4.02 11.63 -7.43
CA SER A 48 3.27 11.41 -6.19
C SER A 48 1.80 11.77 -6.43
N LEU A 49 0.89 10.90 -5.98
CA LEU A 49 -0.53 11.03 -6.26
C LEU A 49 -1.31 11.53 -5.03
N SER A 50 -2.49 12.06 -5.25
CA SER A 50 -3.24 12.74 -4.20
C SER A 50 -4.13 11.80 -3.40
N GLU A 51 -3.78 11.59 -2.13
CA GLU A 51 -4.63 10.81 -1.24
C GLU A 51 -5.87 11.64 -0.90
N GLN A 52 -5.71 12.96 -0.82
CA GLN A 52 -6.85 13.82 -0.47
C GLN A 52 -7.92 13.69 -1.54
N ASN A 53 -7.49 13.64 -2.81
CA ASN A 53 -8.41 13.40 -3.92
C ASN A 53 -9.28 12.17 -3.63
N LEU A 54 -8.65 11.10 -3.17
CA LEU A 54 -9.40 9.87 -2.88
C LEU A 54 -10.30 10.03 -1.67
N VAL A 55 -9.76 10.65 -0.62
CA VAL A 55 -10.54 10.86 0.60
C VAL A 55 -11.81 11.67 0.32
N ASP A 56 -11.67 12.74 -0.46
CA ASP A 56 -12.77 13.66 -0.70
C ASP A 56 -13.79 13.12 -1.69
N CYS A 57 -13.36 12.27 -2.61
CA CYS A 57 -14.10 12.06 -3.85
C CYS A 57 -14.61 10.64 -4.11
N SER A 58 -14.11 9.64 -3.39
CA SER A 58 -14.47 8.25 -3.68
C SER A 58 -15.62 7.67 -2.82
N GLY A 59 -16.41 8.54 -2.22
CA GLY A 59 -17.61 8.10 -1.52
C GLY A 59 -18.54 7.28 -2.40
N PRO A 60 -18.78 7.71 -3.64
CA PRO A 60 -19.68 6.98 -4.53
C PRO A 60 -19.28 5.51 -4.71
N GLN A 61 -17.98 5.23 -4.66
CA GLN A 61 -17.47 3.88 -4.81
C GLN A 61 -17.55 3.04 -3.51
N GLY A 62 -17.89 3.68 -2.41
CA GLY A 62 -17.98 2.95 -1.15
C GLY A 62 -17.04 3.40 -0.04
N ASN A 63 -16.08 4.26 -0.35
CA ASN A 63 -15.15 4.71 0.67
C ASN A 63 -15.74 5.70 1.66
N GLU A 64 -15.15 5.80 2.84
CA GLU A 64 -15.71 6.62 3.89
C GLU A 64 -14.72 7.67 4.38
N GLY A 65 -13.91 8.20 3.48
CA GLY A 65 -13.07 9.34 3.81
C GLY A 65 -12.10 9.00 4.92
N CYS A 66 -12.04 9.85 5.95
CA CYS A 66 -11.13 9.61 7.08
C CYS A 66 -11.64 8.54 8.04
N ASN A 67 -12.81 7.95 7.76
CA ASN A 67 -13.36 6.91 8.62
C ASN A 67 -12.96 5.51 8.17
N GLY A 68 -12.37 5.41 6.99
CA GLY A 68 -11.92 4.14 6.46
C GLY A 68 -12.33 3.91 5.01
N GLY A 69 -11.82 2.84 4.42
CA GLY A 69 -12.09 2.52 3.02
C GLY A 69 -11.28 1.35 2.52
N LEU A 70 -11.41 1.07 1.22
CA LEU A 70 -10.79 -0.08 0.60
C LEU A 70 -9.95 0.34 -0.61
N MET A 71 -8.78 -0.27 -0.78
CA MET A 71 -7.94 0.06 -1.91
C MET A 71 -8.68 -0.21 -3.23
N ASP A 72 -9.41 -1.32 -3.29
CA ASP A 72 -10.10 -1.65 -4.54
C ASP A 72 -11.15 -0.59 -4.91
N TYR A 73 -11.81 -0.03 -3.90
CA TYR A 73 -12.75 1.06 -4.14
C TYR A 73 -12.02 2.29 -4.66
N ALA A 74 -10.81 2.53 -4.17
CA ALA A 74 -10.02 3.65 -4.70
C ALA A 74 -9.65 3.40 -6.16
N PHE A 75 -9.22 2.18 -6.48
CA PHE A 75 -8.87 1.86 -7.87
C PHE A 75 -10.10 2.03 -8.75
N GLN A 76 -11.26 1.66 -8.22
CA GLN A 76 -12.52 1.78 -8.95
C GLN A 76 -12.87 3.24 -9.19
N TYR A 77 -12.59 4.11 -8.21
CA TYR A 77 -12.86 5.53 -8.35
C TYR A 77 -12.04 6.10 -9.50
N VAL A 78 -10.74 5.77 -9.52
CA VAL A 78 -9.86 6.29 -10.55
C VAL A 78 -10.39 5.91 -11.92
N GLN A 79 -10.81 4.66 -12.07
CA GLN A 79 -11.39 4.18 -13.32
C GLN A 79 -12.67 4.92 -13.67
N ASP A 80 -13.64 4.96 -12.75
CA ASP A 80 -14.92 5.64 -12.99
C ASP A 80 -14.72 7.12 -13.33
N ASN A 81 -13.84 7.76 -12.59
CA ASN A 81 -13.64 9.19 -12.65
C ASN A 81 -12.82 9.62 -13.87
N GLY A 82 -12.03 8.70 -14.41
CA GLY A 82 -11.20 8.98 -15.57
C GLY A 82 -9.90 9.70 -15.24
N GLY A 83 -9.50 9.70 -13.97
CA GLY A 83 -8.25 10.32 -13.58
C GLY A 83 -8.07 10.42 -12.08
N LEU A 84 -6.90 10.90 -11.66
CA LEU A 84 -6.59 11.16 -10.27
C LEU A 84 -5.57 12.30 -10.26
N ASP A 85 -5.72 13.29 -9.38
CA ASP A 85 -4.81 14.43 -9.34
C ASP A 85 -3.48 14.12 -8.64
N SER A 86 -2.45 14.89 -8.97
CA SER A 86 -1.15 14.76 -8.31
C SER A 86 -1.21 15.22 -6.85
N GLU A 87 -0.31 14.68 -6.04
CA GLU A 87 -0.14 15.15 -4.67
C GLU A 87 0.11 16.66 -4.67
N GLU A 88 1.01 17.11 -5.54
CA GLU A 88 1.37 18.52 -5.55
C GLU A 88 0.17 19.42 -5.84
N SER A 89 -0.73 18.95 -6.71
CA SER A 89 -1.87 19.75 -7.14
C SER A 89 -3.03 19.75 -6.15
N TYR A 90 -3.12 18.70 -5.35
CA TYR A 90 -4.26 18.46 -4.49
C TYR A 90 -3.69 17.88 -3.21
N PRO A 91 -3.11 18.75 -2.37
CA PRO A 91 -2.31 18.36 -1.21
C PRO A 91 -3.11 17.74 -0.06
N TYR A 92 -2.42 16.97 0.77
CA TYR A 92 -3.07 16.18 1.80
C TYR A 92 -3.36 17.03 3.03
N GLU A 93 -4.60 17.00 3.51
CA GLU A 93 -5.02 17.82 4.64
C GLU A 93 -5.42 17.02 5.89
N ALA A 94 -5.46 15.69 5.76
CA ALA A 94 -5.81 14.85 6.91
C ALA A 94 -7.18 15.17 7.53
N THR A 95 -8.11 15.68 6.72
CA THR A 95 -9.49 15.84 7.16
C THR A 95 -10.39 15.67 5.95
N GLU A 96 -11.69 15.77 6.14
CA GLU A 96 -12.59 15.66 5.00
C GLU A 96 -12.97 17.04 4.47
N GLU A 97 -12.96 17.18 3.16
CA GLU A 97 -13.31 18.45 2.53
C GLU A 97 -14.15 18.16 1.30
N SER A 98 -14.66 19.22 0.66
CA SER A 98 -15.39 19.03 -0.59
C SER A 98 -14.46 18.37 -1.62
N CYS A 99 -15.01 17.50 -2.47
CA CYS A 99 -14.23 16.90 -3.53
C CYS A 99 -13.78 17.99 -4.50
N LYS A 100 -12.49 18.09 -4.78
CA LYS A 100 -11.99 19.19 -5.59
C LYS A 100 -11.27 18.69 -6.83
N TYR A 101 -11.67 17.52 -7.32
CA TYR A 101 -11.01 16.90 -8.45
C TYR A 101 -11.07 17.80 -9.68
N ASN A 102 -9.91 18.00 -10.31
CA ASN A 102 -9.78 18.78 -11.54
C ASN A 102 -9.08 17.93 -12.59
N PRO A 103 -9.80 17.57 -13.67
CA PRO A 103 -9.14 16.69 -14.65
C PRO A 103 -7.89 17.31 -15.28
N LYS A 104 -7.79 18.63 -15.26
CA LYS A 104 -6.62 19.28 -15.84
C LYS A 104 -5.35 18.90 -15.08
N TYR A 105 -5.52 18.48 -13.83
CA TYR A 105 -4.40 18.12 -12.96
C TYR A 105 -4.23 16.61 -12.82
N SER A 106 -5.04 15.86 -13.54
CA SER A 106 -4.93 14.41 -13.52
C SER A 106 -3.59 13.95 -14.08
N VAL A 107 -2.95 13.02 -13.37
CA VAL A 107 -1.64 12.52 -13.79
C VAL A 107 -1.64 11.00 -13.78
N ALA A 108 -2.80 10.40 -13.53
CA ALA A 108 -2.88 8.94 -13.48
C ALA A 108 -4.26 8.41 -13.84
N ASN A 109 -4.30 7.18 -14.31
CA ASN A 109 -5.55 6.50 -14.63
C ASN A 109 -5.39 5.01 -14.37
N ASP A 110 -6.50 4.29 -14.33
CA ASP A 110 -6.42 2.83 -14.37
C ASP A 110 -7.66 2.26 -15.02
N THR A 111 -7.56 1.01 -15.44
CA THR A 111 -8.67 0.33 -16.11
C THR A 111 -9.33 -0.70 -15.19
N GLY A 112 -9.24 -0.50 -13.89
CA GLY A 112 -9.76 -1.45 -12.92
C GLY A 112 -8.64 -2.01 -12.05
N PHE A 113 -8.84 -3.21 -11.52
CA PHE A 113 -7.85 -3.79 -10.62
C PHE A 113 -7.88 -5.31 -10.63
N VAL A 114 -6.83 -5.91 -10.06
CA VAL A 114 -6.71 -7.35 -9.99
C VAL A 114 -6.56 -7.77 -8.54
N ASP A 115 -7.44 -8.66 -8.09
CA ASP A 115 -7.35 -9.22 -6.74
C ASP A 115 -6.51 -10.48 -6.81
N ILE A 116 -5.49 -10.54 -5.98
CA ILE A 116 -4.57 -11.67 -5.91
C ILE A 116 -5.15 -12.80 -5.06
N PRO A 117 -4.97 -14.06 -5.50
CA PRO A 117 -5.34 -15.23 -4.70
C PRO A 117 -4.79 -15.12 -3.29
N LYS A 118 -5.54 -15.60 -2.29
CA LYS A 118 -5.17 -15.46 -0.88
C LYS A 118 -4.08 -16.45 -0.43
N GLN A 119 -2.90 -16.35 -1.04
CA GLN A 119 -1.76 -17.20 -0.69
C GLN A 119 -0.47 -16.41 -0.82
N GLU A 120 0.49 -16.64 0.08
CA GLU A 120 1.74 -15.90 0.04
C GLU A 120 2.55 -16.17 -1.23
N LYS A 121 2.40 -17.37 -1.78
CA LYS A 121 3.07 -17.70 -3.04
C LYS A 121 2.60 -16.78 -4.17
N ALA A 122 1.29 -16.56 -4.23
CA ALA A 122 0.71 -15.70 -5.25
C ALA A 122 1.13 -14.25 -5.04
N LEU A 123 1.21 -13.84 -3.78
CA LEU A 123 1.65 -12.50 -3.46
C LEU A 123 3.11 -12.34 -3.90
N MET A 124 3.92 -13.38 -3.69
CA MET A 124 5.33 -13.32 -4.08
C MET A 124 5.47 -13.10 -5.58
N LYS A 125 4.70 -13.89 -6.34
CA LYS A 125 4.69 -13.79 -7.79
C LYS A 125 4.24 -12.42 -8.25
N ALA A 126 3.21 -11.87 -7.61
CA ALA A 126 2.69 -10.56 -7.98
C ALA A 126 3.75 -9.49 -7.74
N VAL A 127 4.37 -9.52 -6.57
CA VAL A 127 5.41 -8.56 -6.24
C VAL A 127 6.61 -8.66 -7.20
N ALA A 128 7.01 -9.88 -7.52
CA ALA A 128 8.18 -10.08 -8.35
C ALA A 128 7.92 -9.62 -9.79
N THR A 129 6.69 -9.76 -10.25
CA THR A 129 6.38 -9.54 -11.66
C THR A 129 5.70 -8.22 -11.96
N VAL A 130 4.90 -7.71 -11.03
CA VAL A 130 4.06 -6.56 -11.29
C VAL A 130 4.64 -5.25 -10.76
N GLY A 131 5.15 -5.31 -9.52
CA GLY A 131 5.62 -4.12 -8.82
C GLY A 131 5.00 -4.06 -7.44
N PRO A 132 4.97 -2.88 -6.81
CA PRO A 132 4.45 -2.80 -5.44
C PRO A 132 2.96 -3.15 -5.38
N ILE A 133 2.58 -3.90 -4.35
CA ILE A 133 1.21 -4.43 -4.25
C ILE A 133 0.50 -3.87 -3.01
N SER A 134 -0.74 -3.43 -3.19
CA SER A 134 -1.55 -3.02 -2.04
C SER A 134 -1.95 -4.24 -1.21
N VAL A 135 -1.77 -4.17 0.10
CA VAL A 135 -2.19 -5.27 0.99
C VAL A 135 -2.82 -4.72 2.26
N ALA A 136 -3.59 -5.55 2.95
CA ALA A 136 -4.14 -5.16 4.25
C ALA A 136 -3.62 -6.13 5.29
N ILE A 137 -3.30 -5.61 6.47
CA ILE A 137 -2.75 -6.42 7.54
C ILE A 137 -3.52 -6.17 8.84
N ASP A 138 -3.41 -7.13 9.76
CA ASP A 138 -3.85 -6.94 11.13
C ASP A 138 -2.76 -6.18 11.87
N ALA A 139 -2.91 -4.86 11.97
CA ALA A 139 -1.94 -4.02 12.68
C ALA A 139 -2.45 -3.61 14.06
N GLY A 140 -3.53 -4.23 14.52
CA GLY A 140 -4.14 -3.84 15.78
C GLY A 140 -3.43 -4.41 16.99
N HIS A 141 -2.18 -4.01 17.19
CA HIS A 141 -1.34 -4.56 18.27
C HIS A 141 -0.33 -3.53 18.76
N GLU A 142 -0.18 -3.41 20.07
CA GLU A 142 0.83 -2.55 20.63
C GLU A 142 2.21 -2.85 20.04
N SER A 143 2.48 -4.12 19.76
CA SER A 143 3.76 -4.48 19.17
C SER A 143 3.98 -3.81 17.82
N PHE A 144 2.90 -3.62 17.08
CA PHE A 144 3.00 -2.97 15.78
C PHE A 144 3.08 -1.45 15.93
N LEU A 145 2.23 -0.88 16.77
CA LEU A 145 2.29 0.57 16.99
C LEU A 145 3.69 1.01 17.43
N PHE A 146 4.33 0.19 18.26
CA PHE A 146 5.64 0.54 18.80
C PHE A 146 6.81 -0.16 18.09
N TYR A 147 6.54 -0.69 16.90
CA TYR A 147 7.57 -1.36 16.12
C TYR A 147 8.72 -0.42 15.77
N LYS A 148 9.95 -0.95 15.86
CA LYS A 148 11.13 -0.17 15.53
C LYS A 148 12.08 -0.89 14.60
N GLU A 149 12.41 -2.14 14.95
CA GLU A 149 13.45 -2.86 14.23
C GLU A 149 13.18 -4.34 14.18
N GLY A 150 13.71 -4.98 13.13
CA GLY A 150 13.63 -6.43 13.03
C GLY A 150 12.50 -6.91 12.15
N ILE A 151 12.38 -8.23 12.05
CA ILE A 151 11.27 -8.80 11.30
C ILE A 151 10.09 -8.91 12.25
N TYR A 152 9.00 -8.26 11.91
CA TYR A 152 7.82 -8.22 12.77
C TYR A 152 7.14 -9.57 12.82
N PHE A 153 6.96 -10.07 14.03
CA PHE A 153 6.17 -11.27 14.25
C PHE A 153 5.36 -11.04 15.51
N GLU A 154 4.05 -11.22 15.40
CA GLU A 154 3.18 -11.02 16.55
C GLU A 154 2.37 -12.29 16.74
N PRO A 155 2.68 -13.06 17.81
CA PRO A 155 2.03 -14.35 18.04
C PRO A 155 0.50 -14.27 18.02
N ASP A 156 -0.05 -13.13 18.43
CA ASP A 156 -1.51 -12.98 18.51
C ASP A 156 -2.10 -12.37 17.24
N CYS A 157 -1.33 -12.36 16.16
CA CYS A 157 -1.83 -11.78 14.93
C CYS A 157 -2.92 -12.66 14.32
N SER A 158 -3.84 -12.03 13.60
CA SER A 158 -4.91 -12.73 12.90
C SER A 158 -4.85 -12.52 11.38
N SER A 159 -5.33 -13.50 10.61
CA SER A 159 -5.38 -13.38 9.15
C SER A 159 -6.80 -13.08 8.65
N GLU A 160 -7.69 -12.73 9.57
CA GLU A 160 -9.11 -12.64 9.23
C GLU A 160 -9.72 -11.26 9.50
N ASP A 161 -9.07 -10.48 10.37
CA ASP A 161 -9.61 -9.18 10.74
C ASP A 161 -8.71 -8.01 10.38
N MET A 162 -8.14 -8.03 9.18
CA MET A 162 -7.19 -6.98 8.81
C MET A 162 -7.81 -5.58 8.86
N ASP A 163 -7.05 -4.62 9.38
CA ASP A 163 -7.57 -3.27 9.63
C ASP A 163 -6.74 -2.14 9.00
N HIS A 164 -5.64 -2.50 8.34
CA HIS A 164 -4.67 -1.47 7.94
C HIS A 164 -4.11 -1.72 6.54
N GLY A 165 -4.34 -0.77 5.64
CA GLY A 165 -3.86 -0.89 4.27
C GLY A 165 -2.45 -0.34 4.13
N VAL A 166 -1.58 -1.12 3.52
CA VAL A 166 -0.18 -0.74 3.37
C VAL A 166 0.30 -1.21 2.00
N LEU A 167 1.59 -1.10 1.72
CA LEU A 167 2.13 -1.43 0.39
C LEU A 167 3.32 -2.36 0.48
N VAL A 168 3.25 -3.49 -0.20
CA VAL A 168 4.44 -4.36 -0.24
C VAL A 168 5.32 -3.91 -1.39
N VAL A 169 6.55 -3.53 -1.09
CA VAL A 169 7.45 -3.03 -2.14
C VAL A 169 8.56 -4.01 -2.47
N GLY A 170 8.55 -5.15 -1.79
CA GLY A 170 9.55 -6.18 -2.05
C GLY A 170 9.55 -7.27 -1.01
N TYR A 171 10.59 -8.08 -1.03
CA TYR A 171 10.75 -9.12 -0.04
C TYR A 171 12.20 -9.58 0.00
N GLY A 172 12.60 -10.26 1.08
CA GLY A 172 13.96 -10.76 1.17
C GLY A 172 14.13 -11.75 2.30
N PHE A 173 15.37 -11.97 2.69
CA PHE A 173 15.65 -12.80 3.86
C PHE A 173 16.80 -12.16 4.59
N GLU A 174 16.90 -12.41 5.88
CA GLU A 174 17.96 -11.78 6.65
C GLU A 174 19.09 -12.76 6.83
N SER A 175 20.24 -12.46 6.25
CA SER A 175 21.44 -13.25 6.48
C SER A 175 21.49 -13.54 7.97
N THR A 176 21.16 -12.52 8.77
CA THR A 176 20.92 -12.73 10.19
C THR A 176 19.86 -13.83 10.32
N GLU A 177 18.58 -13.45 10.41
CA GLU A 177 17.49 -14.42 10.58
C GLU A 177 17.52 -15.61 9.60
N SER A 178 17.30 -16.82 10.12
CA SER A 178 17.20 -18.04 9.32
C SER A 178 16.68 -19.24 10.12
N ASP A 179 15.41 -19.55 9.89
CA ASP A 179 14.67 -20.54 10.65
C ASP A 179 13.24 -20.13 10.31
N ASN A 180 13.03 -18.84 10.46
CA ASN A 180 11.85 -18.13 9.98
C ASN A 180 12.39 -16.75 9.66
N ASN A 181 13.08 -16.68 8.52
CA ASN A 181 14.02 -15.60 8.20
C ASN A 181 13.63 -14.69 7.07
N LYS A 182 12.56 -15.03 6.36
CA LYS A 182 12.10 -14.25 5.22
C LYS A 182 11.20 -13.13 5.71
N TYR A 183 11.14 -12.05 4.94
CA TYR A 183 10.26 -10.94 5.28
C TYR A 183 9.66 -10.33 4.03
N TRP A 184 8.52 -9.67 4.22
CA TRP A 184 7.94 -8.77 3.23
C TRP A 184 8.42 -7.36 3.56
N LEU A 185 8.83 -6.60 2.55
CA LEU A 185 9.21 -5.21 2.79
C LEU A 185 7.96 -4.36 2.59
N VAL A 186 7.52 -3.73 3.68
CA VAL A 186 6.24 -3.04 3.69
C VAL A 186 6.40 -1.55 4.00
N LYS A 187 5.89 -0.74 3.08
CA LYS A 187 5.85 0.71 3.24
C LYS A 187 4.58 1.08 4.00
N ASN A 188 4.75 1.77 5.12
CA ASN A 188 3.63 2.21 5.92
C ASN A 188 3.35 3.67 5.60
N SER A 189 2.29 4.22 6.20
CA SER A 189 1.94 5.61 5.97
C SER A 189 1.87 6.38 7.28
N TRP A 190 2.80 6.11 8.18
CA TRP A 190 2.79 6.79 9.48
C TRP A 190 4.00 7.66 9.70
N GLY A 191 4.57 8.17 8.61
CA GLY A 191 5.74 9.02 8.73
C GLY A 191 7.01 8.22 8.91
N GLU A 192 8.14 8.91 8.77
CA GLU A 192 9.46 8.25 8.77
C GLU A 192 9.96 7.93 10.18
N GLU A 193 9.34 8.51 11.20
CA GLU A 193 9.78 8.27 12.57
C GLU A 193 9.25 6.96 13.14
N TRP A 194 8.38 6.31 12.41
CA TRP A 194 7.85 5.02 12.85
C TRP A 194 8.63 3.90 12.19
N GLY A 195 8.84 2.81 12.89
CA GLY A 195 9.50 1.65 12.32
C GLY A 195 10.88 1.96 11.78
N MET A 196 11.21 1.36 10.65
CA MET A 196 12.52 1.57 10.04
C MET A 196 12.41 2.63 8.96
N GLY A 197 12.48 3.88 9.38
CA GLY A 197 12.27 4.96 8.43
C GLY A 197 10.91 4.91 7.75
N GLY A 198 9.91 4.41 8.47
CA GLY A 198 8.55 4.36 7.95
C GLY A 198 8.19 3.01 7.33
N TYR A 199 9.16 2.11 7.24
CA TYR A 199 8.97 0.75 6.72
C TYR A 199 8.96 -0.28 7.83
N VAL A 200 8.35 -1.43 7.56
CA VAL A 200 8.40 -2.56 8.46
C VAL A 200 8.70 -3.83 7.66
N LYS A 201 9.57 -4.70 8.21
CA LYS A 201 9.77 -6.02 7.62
C LYS A 201 8.79 -6.98 8.28
N MET A 202 7.83 -7.48 7.50
CA MET A 202 6.81 -8.38 8.04
C MET A 202 7.16 -9.84 7.78
N ALA A 203 6.95 -10.69 8.78
CA ALA A 203 7.26 -12.12 8.63
C ALA A 203 6.65 -12.71 7.37
N LYS A 204 7.51 -13.38 6.59
CA LYS A 204 7.11 -13.95 5.31
C LYS A 204 7.21 -15.47 5.35
N ASP A 205 6.22 -16.11 4.73
CA ASP A 205 6.15 -17.58 4.67
C ASP A 205 6.05 -18.20 6.05
N ARG A 206 5.26 -17.55 6.90
CA ARG A 206 4.90 -18.11 8.19
C ARG A 206 3.38 -18.23 8.23
N ARG A 207 2.85 -18.97 7.26
CA ARG A 207 1.41 -19.19 7.11
C ARG A 207 0.58 -17.90 7.09
N ASN A 208 0.97 -16.95 6.25
CA ASN A 208 0.16 -15.76 6.01
C ASN A 208 0.00 -14.92 7.27
N HIS A 209 1.12 -14.64 7.92
CA HIS A 209 1.13 -13.93 9.19
C HIS A 209 0.49 -12.56 9.05
N CYS A 210 -0.48 -12.27 9.93
CA CYS A 210 -1.19 -10.99 9.96
C CYS A 210 -2.08 -10.75 8.73
N GLY A 211 -2.33 -11.80 7.94
CA GLY A 211 -3.24 -11.71 6.82
C GLY A 211 -2.70 -10.92 5.63
N ILE A 212 -1.39 -10.81 5.54
CA ILE A 212 -0.77 -9.96 4.54
C ILE A 212 -1.13 -10.38 3.10
N ALA A 213 -1.40 -11.67 2.89
CA ALA A 213 -1.77 -12.16 1.56
C ALA A 213 -3.28 -12.25 1.33
N SER A 214 -4.07 -11.88 2.34
CA SER A 214 -5.51 -12.09 2.27
C SER A 214 -6.33 -10.98 1.56
N ALA A 215 -5.76 -9.78 1.41
CA ALA A 215 -6.46 -8.68 0.76
C ALA A 215 -5.49 -7.91 -0.12
N ALA A 216 -4.84 -8.63 -1.03
CA ALA A 216 -3.81 -8.06 -1.89
C ALA A 216 -4.36 -7.79 -3.29
N SER A 217 -3.96 -6.67 -3.87
CA SER A 217 -4.49 -6.27 -5.16
C SER A 217 -3.64 -5.18 -5.77
N TYR A 218 -3.89 -4.89 -7.04
CA TYR A 218 -3.17 -3.82 -7.70
C TYR A 218 -4.02 -3.29 -8.84
N PRO A 219 -3.80 -2.03 -9.20
CA PRO A 219 -4.59 -1.40 -10.26
C PRO A 219 -4.04 -1.76 -11.63
N THR A 220 -4.93 -1.95 -12.60
CA THR A 220 -4.54 -2.27 -13.97
C THR A 220 -4.37 -0.98 -14.76
N VAL A 221 -3.20 -0.80 -15.36
CA VAL A 221 -2.97 0.42 -16.13
C VAL A 221 -2.76 0.11 -17.60
#